data_2CZR
#
_entry.id   2CZR
#
_cell.length_a   73.834
_cell.length_b   73.834
_cell.length_c   86.414
_cell.angle_alpha   90.00
_cell.angle_beta   90.00
_cell.angle_gamma   90.00
#
_symmetry.space_group_name_H-M   'P 43 21 2'
#
loop_
_entity.id
_entity.type
_entity.pdbx_description
1 polymer 'TBP-interacting protein'
2 non-polymer 'ZINC ION'
3 non-polymer GLYCEROL
4 water water
#
_entity_poly.entity_id   1
_entity_poly.type   'polypeptide(L)'
_entity_poly.pdbx_seq_one_letter_code
;GLVPRGSHMYAELSPGTKKVYTQVRYLDDYHWEIEGSTITGIHKKSNVKVVIDVAKNREEADSLAGKDVNGIHIVAIPDN
GVFYIKNGSFVLTYRYLKATLADINDHIVWSGFKVVEDNGKLVQEDVYEYLGAALVNHIKNNALAGQDYIFWQFYKCEEC
GKYVDIENLEAHLREHGIKLHEKSEEHYEVFELNFREGKVFDKFGGEVPMDKFSSEAREFIKEVLS
;
_entity_poly.pdbx_strand_id   A
#
# COMPACT_ATOMS: atom_id res chain seq x y z
N GLY A 1 -32.69 -6.39 13.10
CA GLY A 1 -32.32 -7.85 13.16
C GLY A 1 -30.83 -7.99 13.16
N LEU A 2 -30.25 -7.77 11.99
CA LEU A 2 -28.81 -7.83 11.84
C LEU A 2 -28.32 -6.46 12.26
N VAL A 3 -29.22 -5.76 12.95
CA VAL A 3 -29.00 -4.44 13.53
C VAL A 3 -28.88 -4.69 15.04
N PRO A 4 -29.96 -5.16 15.70
CA PRO A 4 -29.83 -5.41 17.14
C PRO A 4 -28.88 -6.58 17.37
N ARG A 5 -29.05 -7.66 16.61
CA ARG A 5 -28.13 -8.78 16.75
C ARG A 5 -26.73 -8.29 16.35
N GLY A 6 -26.69 -7.03 15.93
CA GLY A 6 -25.44 -6.41 15.52
C GLY A 6 -25.02 -5.51 16.67
N SER A 7 -25.96 -4.74 17.20
CA SER A 7 -25.70 -3.84 18.32
C SER A 7 -25.38 -4.61 19.58
N HIS A 8 -26.06 -5.75 19.75
CA HIS A 8 -25.86 -6.59 20.93
C HIS A 8 -24.49 -7.24 20.91
N MET A 9 -24.15 -7.88 19.80
CA MET A 9 -22.85 -8.51 19.67
C MET A 9 -21.74 -7.49 19.84
N TYR A 10 -21.87 -6.37 19.12
CA TYR A 10 -20.86 -5.32 19.22
C TYR A 10 -20.69 -4.88 20.66
N ALA A 11 -21.81 -4.57 21.32
CA ALA A 11 -21.80 -4.10 22.70
C ALA A 11 -21.10 -5.06 23.65
N GLU A 12 -21.03 -6.32 23.28
CA GLU A 12 -20.40 -7.31 24.14
C GLU A 12 -18.92 -7.53 23.83
N LEU A 13 -18.38 -6.76 22.90
CA LEU A 13 -16.97 -6.86 22.57
C LEU A 13 -16.24 -6.26 23.77
N SER A 14 -14.96 -6.60 23.95
CA SER A 14 -14.22 -6.06 25.08
C SER A 14 -13.95 -4.60 24.76
N PRO A 15 -13.84 -3.76 25.79
CA PRO A 15 -13.58 -2.34 25.58
C PRO A 15 -12.38 -2.14 24.67
N GLY A 16 -11.35 -2.95 24.90
CA GLY A 16 -10.13 -2.86 24.11
C GLY A 16 -10.37 -3.10 22.64
N THR A 17 -11.12 -4.14 22.31
CA THR A 17 -11.40 -4.43 20.92
C THR A 17 -12.19 -3.28 20.29
N LYS A 18 -13.10 -2.70 21.07
CA LYS A 18 -13.91 -1.59 20.58
C LYS A 18 -13.03 -0.37 20.36
N LYS A 19 -12.12 -0.12 21.29
CA LYS A 19 -11.23 1.02 21.18
C LYS A 19 -10.39 0.90 19.92
N VAL A 20 -9.77 -0.26 19.72
CA VAL A 20 -8.93 -0.49 18.55
C VAL A 20 -9.75 -0.35 17.27
N TYR A 21 -10.91 -0.99 17.24
CA TYR A 21 -11.77 -0.92 16.07
C TYR A 21 -12.13 0.53 15.73
N THR A 22 -12.35 1.35 16.76
CA THR A 22 -12.71 2.74 16.56
C THR A 22 -11.58 3.56 15.97
N GLN A 23 -10.36 3.04 16.05
CA GLN A 23 -9.21 3.73 15.48
C GLN A 23 -9.16 3.49 13.97
N VAL A 24 -9.62 2.31 13.54
CA VAL A 24 -9.53 1.94 12.14
C VAL A 24 -10.75 2.08 11.23
N ARG A 25 -11.94 2.04 11.82
CA ARG A 25 -13.16 2.09 11.03
C ARG A 25 -13.41 3.27 10.10
N TYR A 26 -12.60 4.32 10.17
CA TYR A 26 -12.82 5.46 9.28
C TYR A 26 -11.94 5.32 8.05
N LEU A 27 -11.07 4.30 8.07
CA LEU A 27 -10.20 4.07 6.92
C LEU A 27 -11.00 3.19 5.96
N ASP A 28 -11.93 3.84 5.25
CA ASP A 28 -12.79 3.12 4.32
C ASP A 28 -12.06 2.51 3.13
N ASP A 29 -10.74 2.66 3.07
CA ASP A 29 -9.99 2.04 1.98
C ASP A 29 -10.05 0.54 2.28
N TYR A 30 -10.38 0.19 3.51
CA TYR A 30 -10.47 -1.22 3.92
C TYR A 30 -11.89 -1.61 4.33
N HIS A 31 -12.24 -2.86 4.04
CA HIS A 31 -13.54 -3.40 4.44
C HIS A 31 -13.22 -4.08 5.77
N TRP A 32 -13.95 -3.71 6.82
CA TRP A 32 -13.66 -4.30 8.12
C TRP A 32 -14.64 -5.34 8.64
N GLU A 33 -14.10 -6.22 9.48
CA GLU A 33 -14.86 -7.29 10.12
C GLU A 33 -14.27 -7.56 11.50
N ILE A 34 -15.12 -7.94 12.43
CA ILE A 34 -14.66 -8.22 13.78
C ILE A 34 -15.11 -9.60 14.22
N GLU A 35 -14.21 -10.33 14.86
CA GLU A 35 -14.52 -11.66 15.35
C GLU A 35 -13.71 -11.83 16.62
N GLY A 36 -14.38 -11.77 17.77
CA GLY A 36 -13.69 -11.91 19.03
C GLY A 36 -12.76 -10.72 19.24
N SER A 37 -11.47 -10.98 19.41
CA SER A 37 -10.54 -9.88 19.61
C SER A 37 -9.66 -9.73 18.37
N THR A 38 -10.22 -10.09 17.22
CA THR A 38 -9.49 -9.99 15.97
C THR A 38 -10.26 -9.09 14.99
N ILE A 39 -9.57 -8.07 14.48
CA ILE A 39 -10.19 -7.15 13.54
C ILE A 39 -9.54 -7.36 12.19
N THR A 40 -10.35 -7.72 11.20
CA THR A 40 -9.82 -8.00 9.89
C THR A 40 -10.27 -7.00 8.84
N GLY A 41 -9.30 -6.41 8.15
CA GLY A 41 -9.60 -5.46 7.11
C GLY A 41 -9.11 -6.00 5.79
N ILE A 42 -9.87 -5.72 4.72
CA ILE A 42 -9.47 -6.16 3.40
C ILE A 42 -9.37 -4.89 2.55
N HIS A 43 -8.16 -4.59 2.10
CA HIS A 43 -7.96 -3.40 1.28
C HIS A 43 -8.93 -3.55 0.11
N LYS A 44 -9.84 -2.60 -0.04
CA LYS A 44 -10.84 -2.66 -1.09
C LYS A 44 -10.29 -2.71 -2.52
N LYS A 45 -9.28 -1.90 -2.82
CA LYS A 45 -8.74 -1.90 -4.17
C LYS A 45 -7.88 -3.11 -4.53
N SER A 46 -6.98 -3.51 -3.64
CA SER A 46 -6.05 -4.61 -3.92
C SER A 46 -6.38 -5.97 -3.33
N ASN A 47 -7.29 -6.00 -2.36
CA ASN A 47 -7.66 -7.25 -1.72
C ASN A 47 -6.63 -7.71 -0.70
N VAL A 48 -5.64 -6.87 -0.43
CA VAL A 48 -4.62 -7.19 0.55
C VAL A 48 -5.31 -7.32 1.90
N LYS A 49 -4.99 -8.36 2.65
CA LYS A 49 -5.61 -8.55 3.95
C LYS A 49 -4.77 -8.03 5.10
N VAL A 50 -5.43 -7.43 6.09
CA VAL A 50 -4.74 -6.93 7.28
C VAL A 50 -5.48 -7.48 8.49
N VAL A 51 -4.78 -8.27 9.29
CA VAL A 51 -5.35 -8.87 10.49
C VAL A 51 -4.79 -8.16 11.71
N ILE A 52 -5.68 -7.66 12.55
CA ILE A 52 -5.28 -6.97 13.75
C ILE A 52 -5.74 -7.70 15.02
N ASP A 53 -4.79 -8.28 15.73
CA ASP A 53 -5.14 -8.96 16.97
C ASP A 53 -5.00 -7.95 18.09
N VAL A 54 -5.97 -7.94 18.99
CA VAL A 54 -5.93 -7.03 20.13
C VAL A 54 -5.40 -7.76 21.36
N ALA A 55 -4.33 -7.25 21.96
CA ALA A 55 -3.74 -7.88 23.15
C ALA A 55 -3.75 -6.92 24.33
N LYS A 56 -3.64 -7.46 25.54
CA LYS A 56 -3.67 -6.63 26.75
C LYS A 56 -2.34 -6.02 27.14
N ASN A 57 -1.24 -6.60 26.69
CA ASN A 57 0.09 -6.10 27.01
C ASN A 57 1.16 -6.62 26.03
N ARG A 58 2.41 -6.23 26.25
CA ARG A 58 3.51 -6.64 25.39
C ARG A 58 3.83 -8.13 25.39
N GLU A 59 3.76 -8.77 26.56
CA GLU A 59 4.04 -10.19 26.61
C GLU A 59 3.06 -10.92 25.69
N GLU A 60 1.78 -10.62 25.85
CA GLU A 60 0.76 -11.23 25.02
C GLU A 60 1.05 -10.91 23.57
N ALA A 61 1.28 -9.65 23.27
CA ALA A 61 1.57 -9.23 21.91
C ALA A 61 2.74 -10.02 21.34
N ASP A 62 3.81 -10.14 22.12
CA ASP A 62 4.99 -10.87 21.68
C ASP A 62 4.69 -12.33 21.40
N SER A 63 3.76 -12.89 22.16
CA SER A 63 3.37 -14.28 21.99
C SER A 63 2.58 -14.46 20.69
N LEU A 64 1.81 -13.45 20.33
CA LEU A 64 0.99 -13.49 19.11
C LEU A 64 1.80 -13.15 17.87
N ALA A 65 2.91 -12.44 18.06
CA ALA A 65 3.79 -12.03 16.97
C ALA A 65 4.07 -13.18 16.01
N GLY A 66 4.19 -14.38 16.54
CA GLY A 66 4.43 -15.53 15.69
C GLY A 66 3.13 -15.98 15.07
N LYS A 67 2.71 -15.33 13.97
CA LYS A 67 1.45 -15.71 13.34
C LYS A 67 1.31 -15.45 11.84
N ASP A 68 1.06 -16.53 11.09
CA ASP A 68 0.86 -16.42 9.65
C ASP A 68 -0.61 -16.10 9.44
N VAL A 69 -0.89 -15.03 8.72
CA VAL A 69 -2.28 -14.63 8.48
C VAL A 69 -2.54 -14.45 6.99
N ASN A 70 -1.52 -14.75 6.17
CA ASN A 70 -1.64 -14.60 4.73
C ASN A 70 -2.06 -13.17 4.45
N GLY A 71 -1.23 -12.25 4.94
CA GLY A 71 -1.48 -10.84 4.78
C GLY A 71 -0.63 -10.08 5.77
N ILE A 72 -1.04 -8.85 6.09
CA ILE A 72 -0.30 -8.04 7.03
C ILE A 72 -0.86 -8.31 8.43
N HIS A 73 0.01 -8.74 9.34
CA HIS A 73 -0.40 -9.04 10.70
C HIS A 73 0.02 -7.92 11.66
N ILE A 74 -0.95 -7.38 12.38
CA ILE A 74 -0.69 -6.33 13.34
C ILE A 74 -1.26 -6.70 14.69
N VAL A 75 -0.47 -6.49 15.73
CA VAL A 75 -0.91 -6.75 17.10
C VAL A 75 -1.01 -5.37 17.76
N ALA A 76 -2.22 -5.01 18.15
CA ALA A 76 -2.47 -3.72 18.78
C ALA A 76 -2.51 -3.86 20.29
N ILE A 77 -1.78 -2.99 20.98
CA ILE A 77 -1.72 -3.01 22.44
C ILE A 77 -1.92 -1.62 23.01
N PRO A 78 -2.45 -1.52 24.23
CA PRO A 78 -2.70 -0.23 24.88
C PRO A 78 -1.44 0.47 25.39
N ASP A 79 -0.34 -0.28 25.47
CA ASP A 79 0.92 0.27 25.95
C ASP A 79 1.47 1.34 25.01
N ASN A 80 1.84 2.48 25.59
CA ASN A 80 2.34 3.61 24.82
C ASN A 80 3.79 3.53 24.38
N GLY A 81 4.12 4.30 23.34
CA GLY A 81 5.47 4.33 22.82
C GLY A 81 6.00 2.99 22.38
N VAL A 82 5.13 2.13 21.87
CA VAL A 82 5.56 0.81 21.41
C VAL A 82 5.30 0.64 19.91
N PHE A 83 6.36 0.39 19.16
CA PHE A 83 6.26 0.21 17.72
C PHE A 83 7.45 -0.58 17.17
N TYR A 84 7.28 -1.87 16.94
CA TYR A 84 8.35 -2.67 16.40
C TYR A 84 7.79 -3.84 15.62
N ILE A 85 8.66 -4.49 14.88
CA ILE A 85 8.30 -5.63 14.06
C ILE A 85 8.92 -6.88 14.65
N LYS A 86 8.10 -7.90 14.86
CA LYS A 86 8.58 -9.16 15.42
C LYS A 86 7.98 -10.31 14.62
N ASN A 87 8.84 -11.13 14.03
CA ASN A 87 8.38 -12.26 13.24
C ASN A 87 7.47 -11.76 12.13
N GLY A 88 7.79 -10.59 11.60
CA GLY A 88 6.98 -10.03 10.53
C GLY A 88 5.74 -9.28 10.97
N SER A 89 5.37 -9.39 12.24
CA SER A 89 4.17 -8.70 12.71
C SER A 89 4.50 -7.35 13.32
N PHE A 90 3.61 -6.38 13.10
CA PHE A 90 3.78 -5.06 13.69
C PHE A 90 3.22 -5.20 15.09
N VAL A 91 3.91 -4.65 16.08
CA VAL A 91 3.42 -4.66 17.44
C VAL A 91 3.42 -3.19 17.77
N LEU A 92 2.25 -2.61 17.95
CA LEU A 92 2.21 -1.18 18.20
C LEU A 92 1.12 -0.68 19.12
N THR A 93 1.38 0.49 19.68
CA THR A 93 0.42 1.16 20.54
C THR A 93 -0.76 1.31 19.58
N TYR A 94 -1.98 1.03 20.03
CA TYR A 94 -3.09 1.13 19.10
C TYR A 94 -3.35 2.54 18.58
N ARG A 95 -2.72 3.53 19.20
CA ARG A 95 -2.90 4.91 18.75
C ARG A 95 -2.02 5.23 17.53
N TYR A 96 -1.27 4.24 17.06
CA TYR A 96 -0.44 4.42 15.88
C TYR A 96 -1.10 3.72 14.70
N LEU A 97 -2.13 2.93 14.99
CA LEU A 97 -2.86 2.18 13.96
C LEU A 97 -3.34 2.99 12.78
N LYS A 98 -4.12 4.03 13.07
CA LYS A 98 -4.65 4.87 12.01
C LYS A 98 -3.55 5.33 11.08
N ALA A 99 -2.48 5.89 11.64
CA ALA A 99 -1.38 6.35 10.81
C ALA A 99 -0.70 5.19 10.07
N THR A 100 -0.63 4.03 10.72
CA THR A 100 0.02 2.87 10.12
C THR A 100 -0.78 2.25 8.97
N LEU A 101 -2.09 2.10 9.18
CA LEU A 101 -2.94 1.53 8.16
C LEU A 101 -2.99 2.45 6.96
N ALA A 102 -2.89 3.76 7.20
CA ALA A 102 -2.89 4.72 6.11
C ALA A 102 -1.57 4.61 5.35
N ASP A 103 -0.45 4.46 6.07
CA ASP A 103 0.85 4.29 5.41
C ASP A 103 0.80 3.00 4.59
N ILE A 104 0.18 1.96 5.14
CA ILE A 104 0.08 0.68 4.44
C ILE A 104 -0.69 0.89 3.13
N ASN A 105 -1.80 1.62 3.22
CA ASN A 105 -2.60 1.93 2.04
C ASN A 105 -1.76 2.67 1.01
N ASP A 106 -0.97 3.64 1.46
CA ASP A 106 -0.13 4.40 0.52
C ASP A 106 0.93 3.52 -0.12
N HIS A 107 1.21 2.38 0.49
CA HIS A 107 2.22 1.48 -0.06
C HIS A 107 1.70 0.31 -0.89
N ILE A 108 0.39 0.25 -1.11
CA ILE A 108 -0.18 -0.78 -1.95
C ILE A 108 -0.38 -0.04 -3.27
N VAL A 109 0.60 -0.16 -4.15
CA VAL A 109 0.58 0.57 -5.41
C VAL A 109 0.23 -0.21 -6.68
N TRP A 110 -0.63 0.40 -7.50
CA TRP A 110 -1.03 -0.19 -8.77
C TRP A 110 0.21 -0.30 -9.64
N SER A 111 0.42 -1.47 -10.23
CA SER A 111 1.60 -1.70 -11.03
C SER A 111 1.33 -2.20 -12.45
N GLY A 112 0.06 -2.42 -12.78
CA GLY A 112 -0.25 -2.88 -14.11
C GLY A 112 -1.60 -3.55 -14.17
N PHE A 113 -1.91 -4.12 -15.32
CA PHE A 113 -3.20 -4.77 -15.50
C PHE A 113 -3.06 -5.77 -16.63
N LYS A 114 -4.05 -6.64 -16.75
CA LYS A 114 -4.04 -7.64 -17.78
C LYS A 114 -5.52 -7.83 -18.13
N VAL A 115 -5.84 -7.95 -19.42
CA VAL A 115 -7.21 -8.17 -19.81
C VAL A 115 -7.41 -9.67 -19.98
N VAL A 116 -8.42 -10.23 -19.33
CA VAL A 116 -8.67 -11.66 -19.45
C VAL A 116 -10.08 -11.98 -19.94
N GLU A 117 -10.20 -13.13 -20.59
CA GLU A 117 -11.47 -13.60 -21.10
C GLU A 117 -12.17 -14.17 -19.87
N ASP A 118 -13.48 -13.98 -19.79
CA ASP A 118 -14.23 -14.50 -18.65
C ASP A 118 -15.72 -14.58 -18.91
N ASN A 119 -16.22 -15.80 -19.05
CA ASN A 119 -17.64 -16.03 -19.29
C ASN A 119 -18.10 -15.21 -20.49
N GLY A 120 -17.30 -15.22 -21.56
CA GLY A 120 -17.65 -14.48 -22.76
C GLY A 120 -17.37 -12.99 -22.78
N LYS A 121 -16.72 -12.48 -21.73
CA LYS A 121 -16.42 -11.05 -21.68
C LYS A 121 -14.97 -10.81 -21.30
N LEU A 122 -14.48 -9.62 -21.58
CA LEU A 122 -13.11 -9.24 -21.27
C LEU A 122 -13.13 -8.55 -19.91
N VAL A 123 -12.29 -9.03 -19.00
CA VAL A 123 -12.22 -8.47 -17.65
C VAL A 123 -10.82 -8.00 -17.32
N GLN A 124 -10.72 -6.78 -16.79
CA GLN A 124 -9.41 -6.25 -16.44
C GLN A 124 -8.96 -6.73 -15.07
N GLU A 125 -7.75 -7.29 -15.05
CA GLU A 125 -7.12 -7.79 -13.84
C GLU A 125 -6.02 -6.81 -13.45
N ASP A 126 -6.17 -6.19 -12.30
CA ASP A 126 -5.18 -5.24 -11.85
C ASP A 126 -4.09 -5.89 -11.02
N VAL A 127 -2.88 -5.36 -11.13
CA VAL A 127 -1.75 -5.87 -10.37
C VAL A 127 -1.36 -4.83 -9.34
N TYR A 128 -1.36 -5.21 -8.08
CA TYR A 128 -0.99 -4.33 -6.98
C TYR A 128 0.25 -4.89 -6.31
N GLU A 129 1.08 -4.01 -5.76
CA GLU A 129 2.30 -4.44 -5.12
C GLU A 129 2.40 -3.78 -3.76
N TYR A 130 2.52 -4.58 -2.72
CA TYR A 130 2.68 -4.04 -1.38
C TYR A 130 4.17 -3.80 -1.14
N LEU A 131 4.55 -2.53 -1.07
CA LEU A 131 5.94 -2.13 -0.87
C LEU A 131 6.30 -2.09 0.60
N GLY A 132 6.40 -3.26 1.22
CA GLY A 132 6.74 -3.35 2.63
C GLY A 132 8.10 -2.78 2.97
N ALA A 133 9.10 -3.04 2.14
CA ALA A 133 10.44 -2.52 2.40
C ALA A 133 10.46 -0.99 2.42
N ALA A 134 9.81 -0.40 1.41
CA ALA A 134 9.75 1.06 1.34
C ALA A 134 8.91 1.57 2.50
N LEU A 135 7.87 0.83 2.84
CA LEU A 135 7.00 1.23 3.94
C LEU A 135 7.83 1.43 5.21
N VAL A 136 8.63 0.43 5.55
CA VAL A 136 9.45 0.52 6.75
C VAL A 136 10.46 1.67 6.63
N ASN A 137 11.00 1.86 5.44
CA ASN A 137 11.97 2.94 5.22
C ASN A 137 11.32 4.31 5.46
N HIS A 138 10.12 4.50 4.91
CA HIS A 138 9.40 5.76 5.06
C HIS A 138 8.95 6.04 6.49
N ILE A 139 8.60 4.99 7.22
CA ILE A 139 8.15 5.16 8.59
C ILE A 139 9.34 5.60 9.44
N LYS A 140 10.51 5.06 9.13
CA LYS A 140 11.70 5.42 9.87
C LYS A 140 12.10 6.86 9.60
N ASN A 141 11.89 7.33 8.37
CA ASN A 141 12.22 8.70 8.01
C ASN A 141 11.00 9.58 8.19
N ASN A 142 9.98 9.03 8.82
CA ASN A 142 8.77 9.79 9.07
C ASN A 142 8.28 10.43 7.75
N ALA A 143 8.52 9.75 6.64
CA ALA A 143 8.12 10.23 5.32
C ALA A 143 6.64 9.95 5.03
N LEU A 144 5.94 10.96 4.55
CA LEU A 144 4.52 10.83 4.23
C LEU A 144 4.25 10.95 2.75
N ALA A 145 3.53 9.98 2.19
CA ALA A 145 3.20 10.01 0.77
C ALA A 145 2.33 11.24 0.49
N GLY A 146 2.63 11.93 -0.60
CA GLY A 146 1.86 13.10 -0.95
C GLY A 146 2.44 14.35 -0.33
N GLN A 147 3.29 14.15 0.67
CA GLN A 147 3.92 15.27 1.37
C GLN A 147 5.42 15.33 1.08
N ASP A 148 6.14 14.27 1.45
CA ASP A 148 7.58 14.22 1.24
C ASP A 148 7.93 13.50 -0.06
N TYR A 149 6.95 12.83 -0.66
CA TYR A 149 7.20 12.09 -1.90
C TYR A 149 5.89 11.51 -2.40
N ILE A 150 5.97 10.89 -3.57
CA ILE A 150 4.83 10.20 -4.16
C ILE A 150 5.43 9.06 -4.95
N PHE A 151 4.67 7.99 -5.09
CA PHE A 151 5.10 6.85 -5.88
C PHE A 151 4.48 7.14 -7.23
N TRP A 152 5.18 6.79 -8.30
CA TRP A 152 4.65 7.04 -9.63
C TRP A 152 5.13 5.91 -10.54
N GLN A 153 4.27 5.49 -11.46
CA GLN A 153 4.63 4.39 -12.34
C GLN A 153 5.27 4.84 -13.63
N PHE A 154 6.33 4.14 -13.99
CA PHE A 154 7.06 4.40 -15.22
C PHE A 154 7.10 3.10 -16.01
N TYR A 155 6.98 3.24 -17.32
CA TYR A 155 7.01 2.09 -18.21
C TYR A 155 8.40 1.95 -18.80
N LYS A 156 8.87 0.71 -18.89
CA LYS A 156 10.18 0.44 -19.45
C LYS A 156 9.96 0.17 -20.94
N CYS A 157 10.26 1.17 -21.77
CA CYS A 157 10.06 1.04 -23.21
C CYS A 157 10.85 -0.10 -23.84
N GLU A 158 10.11 -1.02 -24.44
CA GLU A 158 10.68 -2.19 -25.11
C GLU A 158 11.47 -1.82 -26.36
N GLU A 159 11.52 -0.52 -26.67
CA GLU A 159 12.24 -0.05 -27.85
C GLU A 159 13.56 0.65 -27.53
N CYS A 160 13.57 1.51 -26.52
CA CYS A 160 14.78 2.22 -26.16
C CYS A 160 15.23 1.97 -24.73
N GLY A 161 14.47 1.14 -24.01
CA GLY A 161 14.80 0.81 -22.63
C GLY A 161 14.79 1.98 -21.67
N LYS A 162 14.36 3.14 -22.13
CA LYS A 162 14.30 4.31 -21.28
C LYS A 162 12.99 4.29 -20.51
N TYR A 163 12.99 4.86 -19.31
CA TYR A 163 11.80 4.92 -18.49
C TYR A 163 11.00 6.16 -18.85
N VAL A 164 9.70 5.98 -19.03
CA VAL A 164 8.82 7.10 -19.36
C VAL A 164 7.62 7.06 -18.43
N ASP A 165 7.28 8.19 -17.86
CA ASP A 165 6.15 8.24 -16.95
C ASP A 165 4.91 7.76 -17.70
N ILE A 166 4.01 7.13 -16.97
CA ILE A 166 2.80 6.56 -17.53
C ILE A 166 1.97 7.48 -18.42
N GLU A 167 1.89 8.77 -18.09
CA GLU A 167 1.09 9.69 -18.90
C GLU A 167 1.68 10.00 -20.28
N ASN A 168 3.01 10.08 -20.37
CA ASN A 168 3.67 10.37 -21.63
C ASN A 168 3.96 9.08 -22.41
N LEU A 169 3.44 7.96 -21.91
CA LEU A 169 3.68 6.69 -22.56
C LEU A 169 2.97 6.59 -23.93
N GLU A 170 1.75 7.12 -23.99
CA GLU A 170 0.97 7.09 -25.22
C GLU A 170 1.74 7.77 -26.34
N ALA A 171 2.13 9.02 -26.10
CA ALA A 171 2.87 9.78 -27.10
C ALA A 171 4.22 9.14 -27.39
N HIS A 172 4.85 8.59 -26.37
CA HIS A 172 6.15 7.95 -26.51
C HIS A 172 6.14 6.73 -27.45
N LEU A 173 5.17 5.83 -27.25
CA LEU A 173 5.08 4.63 -28.08
C LEU A 173 4.68 5.01 -29.50
N ARG A 174 3.90 6.07 -29.61
CA ARG A 174 3.44 6.57 -30.90
C ARG A 174 4.65 6.88 -31.79
N GLU A 175 5.61 7.61 -31.21
CA GLU A 175 6.82 7.98 -31.93
C GLU A 175 7.65 6.76 -32.35
N HIS A 176 7.22 5.58 -31.91
CA HIS A 176 7.91 4.34 -32.25
C HIS A 176 7.07 3.52 -33.22
N GLY A 177 5.90 4.05 -33.56
CA GLY A 177 5.02 3.35 -34.47
C GLY A 177 4.23 2.28 -33.75
N ILE A 178 4.10 2.42 -32.43
CA ILE A 178 3.40 1.46 -31.61
C ILE A 178 2.15 2.10 -31.00
N LYS A 179 1.01 1.45 -31.20
CA LYS A 179 -0.27 1.94 -30.69
C LYS A 179 -0.60 1.40 -29.30
N LEU A 180 -0.64 2.30 -28.32
CA LEU A 180 -0.92 1.94 -26.93
C LEU A 180 -2.25 1.23 -26.75
N HIS A 181 -3.29 1.69 -27.44
CA HIS A 181 -4.61 1.09 -27.30
C HIS A 181 -4.71 -0.34 -27.82
N GLU A 182 -3.71 -0.78 -28.59
CA GLU A 182 -3.75 -2.15 -29.09
C GLU A 182 -3.15 -3.10 -28.05
N LYS A 183 -2.61 -2.54 -26.96
CA LYS A 183 -2.02 -3.33 -25.88
C LYS A 183 -3.12 -3.80 -24.95
N SER A 184 -3.03 -5.03 -24.47
CA SER A 184 -4.05 -5.57 -23.59
C SER A 184 -3.46 -5.93 -22.25
N GLU A 185 -2.23 -5.47 -22.02
CA GLU A 185 -1.56 -5.72 -20.76
C GLU A 185 -0.32 -4.87 -20.70
N GLU A 186 0.04 -4.44 -19.50
CA GLU A 186 1.26 -3.68 -19.31
C GLU A 186 1.62 -3.61 -17.85
N HIS A 187 2.92 -3.55 -17.60
CA HIS A 187 3.45 -3.51 -16.25
C HIS A 187 4.42 -2.35 -16.13
N TYR A 188 4.39 -1.69 -14.99
CA TYR A 188 5.22 -0.54 -14.72
C TYR A 188 6.11 -0.73 -13.52
N GLU A 189 7.17 0.05 -13.47
CA GLU A 189 8.08 0.02 -12.33
C GLU A 189 7.53 1.15 -11.47
N VAL A 190 7.54 0.98 -10.16
CA VAL A 190 7.05 2.05 -9.30
C VAL A 190 8.26 2.74 -8.71
N PHE A 191 8.37 4.03 -8.96
CA PHE A 191 9.48 4.83 -8.47
C PHE A 191 8.98 5.85 -7.46
N GLU A 192 9.89 6.33 -6.63
CA GLU A 192 9.56 7.34 -5.64
C GLU A 192 10.14 8.68 -6.10
N LEU A 193 9.29 9.70 -6.14
CA LEU A 193 9.74 11.03 -6.52
C LEU A 193 9.84 11.76 -5.19
N ASN A 194 11.05 11.90 -4.68
CA ASN A 194 11.26 12.53 -3.38
C ASN A 194 11.43 14.05 -3.44
N PHE A 195 10.42 14.76 -2.93
CA PHE A 195 10.38 16.23 -2.88
C PHE A 195 11.53 16.82 -2.08
N ARG A 196 11.97 16.09 -1.06
CA ARG A 196 13.07 16.55 -0.22
C ARG A 196 14.40 16.43 -0.93
N GLU A 197 14.66 15.25 -1.48
CA GLU A 197 15.91 14.99 -2.18
C GLU A 197 15.95 15.54 -3.60
N GLY A 198 14.78 15.83 -4.17
CA GLY A 198 14.75 16.30 -5.53
C GLY A 198 15.41 15.22 -6.39
N LYS A 199 15.22 13.97 -5.98
CA LYS A 199 15.81 12.82 -6.68
C LYS A 199 14.77 11.71 -6.83
N VAL A 200 15.11 10.72 -7.66
CA VAL A 200 14.22 9.60 -7.89
C VAL A 200 14.81 8.32 -7.29
N PHE A 201 13.98 7.54 -6.61
CA PHE A 201 14.43 6.28 -6.00
C PHE A 201 13.58 5.12 -6.46
N ASP A 202 14.14 3.92 -6.37
CA ASP A 202 13.38 2.75 -6.75
C ASP A 202 12.58 2.31 -5.52
N LYS A 203 11.72 1.31 -5.68
CA LYS A 203 10.89 0.85 -4.58
C LYS A 203 11.66 0.20 -3.43
N PHE A 204 12.99 0.24 -3.51
CA PHE A 204 13.80 -0.35 -2.46
C PHE A 204 14.67 0.69 -1.76
N GLY A 205 14.49 1.95 -2.15
CA GLY A 205 15.26 3.02 -1.54
C GLY A 205 16.53 3.39 -2.29
N GLY A 206 16.83 2.66 -3.36
CA GLY A 206 18.02 2.95 -4.13
C GLY A 206 17.80 4.04 -5.15
N GLU A 207 18.70 5.02 -5.19
CA GLU A 207 18.59 6.14 -6.12
C GLU A 207 18.71 5.72 -7.59
N VAL A 208 17.92 6.39 -8.44
CA VAL A 208 17.93 6.10 -9.87
C VAL A 208 18.39 7.34 -10.66
N PRO A 209 19.50 7.21 -11.40
CA PRO A 209 20.04 8.32 -12.19
C PRO A 209 18.98 8.85 -13.14
N MET A 210 19.10 10.10 -13.53
CA MET A 210 18.12 10.70 -14.43
C MET A 210 18.24 10.15 -15.86
N ASP A 211 19.44 9.72 -16.25
CA ASP A 211 19.66 9.18 -17.58
C ASP A 211 18.93 7.87 -17.81
N LYS A 212 18.23 7.39 -16.79
CA LYS A 212 17.46 6.16 -16.89
C LYS A 212 16.08 6.46 -17.46
N PHE A 213 15.76 7.75 -17.59
CA PHE A 213 14.47 8.19 -18.09
C PHE A 213 14.55 8.90 -19.43
N SER A 214 13.53 8.70 -20.26
CA SER A 214 13.46 9.35 -21.56
C SER A 214 13.43 10.86 -21.36
N SER A 215 13.77 11.60 -22.41
CA SER A 215 13.76 13.06 -22.35
C SER A 215 12.42 13.59 -21.84
N GLU A 216 11.35 12.89 -22.20
CA GLU A 216 10.00 13.28 -21.78
C GLU A 216 9.84 13.15 -20.27
N ALA A 217 10.17 11.97 -19.76
CA ALA A 217 10.05 11.71 -18.33
C ALA A 217 10.94 12.66 -17.54
N ARG A 218 12.14 12.89 -18.06
CA ARG A 218 13.11 13.79 -17.45
C ARG A 218 12.48 15.11 -17.03
N GLU A 219 11.82 15.78 -17.97
CA GLU A 219 11.20 17.07 -17.67
C GLU A 219 10.00 16.88 -16.76
N PHE A 220 9.28 15.79 -16.93
CA PHE A 220 8.11 15.51 -16.09
C PHE A 220 8.58 15.42 -14.65
N ILE A 221 9.70 14.73 -14.44
CA ILE A 221 10.26 14.56 -13.11
C ILE A 221 10.63 15.96 -12.60
N LYS A 222 11.36 16.69 -13.43
CA LYS A 222 11.77 18.05 -13.07
C LYS A 222 10.54 18.85 -12.65
N GLU A 223 9.47 18.70 -13.41
CA GLU A 223 8.22 19.39 -13.11
C GLU A 223 7.65 19.00 -11.75
N VAL A 224 7.54 17.70 -11.51
CA VAL A 224 6.98 17.20 -10.24
C VAL A 224 7.85 17.61 -9.05
N LEU A 225 9.16 17.41 -9.16
CA LEU A 225 10.08 17.74 -8.10
C LEU A 225 10.31 19.24 -7.94
N SER A 226 9.25 20.02 -8.13
CA SER A 226 9.33 21.48 -7.99
C SER A 226 7.94 22.09 -7.79
#